data_2JCO
#
_entry.id   2JCO
#
_cell.length_a   93.570
_cell.length_b   93.570
_cell.length_c   108.417
_cell.angle_alpha   90.00
_cell.angle_beta   90.00
_cell.angle_gamma   90.00
#
_symmetry.space_group_name_H-M   'P 41 21 2'
#
loop_
_entity.id
_entity.type
_entity.pdbx_description
1 polymer 'N-ACETYLLACTOSAMINIDE ALPHA-1,3-GALACTOSYL TRANSFERASE'
2 non-polymer GLYCEROL
3 water water
#
_entity_poly.entity_id   1
_entity_poly.type   'polypeptide(L)'
_entity_poly.pdbx_seq_one_letter_code
;ESKLKLSDWFNPFKRPEVVTMTKWKAPVVWEGTYNRAVLDNYYAKQKITVGLTVFAVGRYIEHYLEEFLTSANKHFMVGH
PVIFYIMVDDVSRMPLIELGPLRSFKVFKIKPEKRWQDISMMRMKTIGEHIVAHIQHEVDFLFCMDVDQVFQDKFGVETL
GESVAQLQAWWYKADPNDFTYERRKESAAYIPFGEGDFYYHAAIFGGTPTQVLNITQECFKGILKDKKNDIEAQWHDESH
LNKYFLLNKPTKILSPEYCWDYHIGLPADIKLVKMSWQTKEYNVVRNNV
;
_entity_poly.pdbx_strand_id   A
#
loop_
_chem_comp.id
_chem_comp.type
_chem_comp.name
_chem_comp.formula
GOL non-polymer GLYCEROL 'C3 H8 O3'
#
# COMPACT_ATOMS: atom_id res chain seq x y z
N LYS A 3 21.15 2.82 15.51
CA LYS A 3 19.67 2.64 15.46
C LYS A 3 19.23 1.20 15.08
N LEU A 4 18.12 1.07 14.34
CA LEU A 4 17.49 -0.24 14.14
C LEU A 4 18.35 -1.15 13.28
N LYS A 5 18.50 -2.41 13.69
CA LYS A 5 18.92 -3.44 12.74
C LYS A 5 17.97 -4.65 12.77
N LEU A 6 17.84 -5.30 11.61
CA LEU A 6 16.82 -6.33 11.37
C LEU A 6 16.65 -7.34 12.48
N SER A 7 17.78 -7.83 13.03
CA SER A 7 17.80 -8.78 14.17
C SER A 7 16.99 -8.24 15.34
N ASP A 8 17.06 -6.92 15.53
CA ASP A 8 16.38 -6.22 16.62
C ASP A 8 14.88 -6.39 16.55
N TRP A 9 14.32 -6.44 15.35
CA TRP A 9 12.87 -6.51 15.26
C TRP A 9 12.35 -7.72 14.51
N PHE A 10 13.18 -8.28 13.64
CA PHE A 10 12.73 -9.31 12.72
C PHE A 10 13.43 -10.65 12.92
N ASN A 11 12.63 -11.70 13.06
CA ASN A 11 13.16 -13.05 13.12
C ASN A 11 12.45 -13.99 12.14
N PRO A 12 13.06 -14.22 10.95
CA PRO A 12 12.54 -15.16 9.94
C PRO A 12 12.14 -16.54 10.50
N PHE A 13 12.98 -17.12 11.35
CA PHE A 13 12.83 -18.52 11.80
C PHE A 13 11.61 -18.77 12.71
N LYS A 14 10.81 -17.74 12.99
CA LYS A 14 9.54 -17.94 13.68
C LYS A 14 8.45 -18.24 12.64
N ARG A 15 8.81 -18.05 11.37
CA ARG A 15 7.98 -18.47 10.22
C ARG A 15 8.85 -19.01 9.08
N PRO A 16 9.17 -20.33 9.13
CA PRO A 16 10.05 -20.94 8.11
C PRO A 16 9.35 -21.45 6.84
N GLU A 17 8.05 -21.79 6.92
CA GLU A 17 7.27 -22.18 5.72
C GLU A 17 7.41 -21.14 4.61
N VAL A 18 7.09 -19.88 4.94
CA VAL A 18 6.96 -18.79 3.95
C VAL A 18 8.22 -17.95 3.67
N VAL A 19 8.23 -17.29 2.52
CA VAL A 19 9.32 -16.36 2.21
C VAL A 19 9.28 -15.21 3.23
N THR A 20 10.42 -14.95 3.85
CA THR A 20 10.55 -13.96 4.91
C THR A 20 11.69 -13.00 4.61
N MET A 21 12.56 -13.41 3.69
CA MET A 21 13.61 -12.55 3.19
C MET A 21 13.71 -12.80 1.69
N THR A 22 14.30 -11.86 0.97
CA THR A 22 14.27 -11.87 -0.50
C THR A 22 15.67 -11.80 -1.02
N LYS A 23 15.87 -12.27 -2.25
CA LYS A 23 17.23 -12.39 -2.77
C LYS A 23 18.01 -11.07 -2.71
N TRP A 24 17.32 -9.96 -2.41
CA TRP A 24 17.99 -8.66 -2.25
C TRP A 24 17.98 -8.15 -0.81
N LYS A 25 17.52 -9.00 0.11
CA LYS A 25 17.73 -8.81 1.54
C LYS A 25 16.64 -7.96 2.21
N ALA A 26 15.47 -7.93 1.58
CA ALA A 26 14.35 -7.21 2.13
C ALA A 26 13.48 -8.13 2.97
N PRO A 27 13.18 -7.71 4.21
CA PRO A 27 12.31 -8.50 5.05
C PRO A 27 10.94 -8.60 4.43
N VAL A 28 10.39 -9.80 4.33
CA VAL A 28 8.99 -9.98 4.03
C VAL A 28 8.31 -10.22 5.35
N VAL A 29 7.39 -9.35 5.74
CA VAL A 29 6.96 -9.32 7.12
C VAL A 29 5.74 -10.17 7.39
N TRP A 30 5.91 -11.22 8.19
CA TRP A 30 4.79 -12.10 8.51
C TRP A 30 4.42 -12.05 9.97
N GLU A 31 3.16 -12.32 10.27
CA GLU A 31 2.72 -12.44 11.64
C GLU A 31 3.59 -13.46 12.35
N GLY A 32 3.97 -13.16 13.58
CA GLY A 32 4.85 -14.05 14.34
C GLY A 32 6.33 -13.78 14.09
N THR A 33 6.64 -13.05 13.02
CA THR A 33 8.05 -12.80 12.67
C THR A 33 8.58 -11.46 13.20
N TYR A 34 7.71 -10.64 13.79
CA TYR A 34 8.09 -9.25 14.10
C TYR A 34 7.84 -8.88 15.56
N ASN A 35 8.71 -8.03 16.11
CA ASN A 35 8.48 -7.48 17.44
C ASN A 35 7.93 -6.09 17.34
N ARG A 36 6.63 -5.94 17.57
CA ARG A 36 6.07 -4.60 17.45
C ARG A 36 6.56 -3.75 18.63
N ALA A 37 6.39 -4.28 19.83
CA ALA A 37 6.87 -3.65 21.04
C ALA A 37 8.22 -2.98 20.82
N VAL A 38 9.23 -3.71 20.34
CA VAL A 38 10.51 -3.06 20.12
C VAL A 38 10.34 -1.86 19.22
N LEU A 39 9.71 -2.06 18.07
CA LEU A 39 9.64 -0.99 17.07
C LEU A 39 8.74 0.13 17.56
N ASP A 40 7.62 -0.24 18.18
CA ASP A 40 6.74 0.76 18.69
C ASP A 40 7.61 1.70 19.50
N ASN A 41 8.37 1.12 20.44
CA ASN A 41 9.29 1.90 21.24
C ASN A 41 10.29 2.67 20.36
N TYR A 42 10.99 1.95 19.49
CA TYR A 42 12.03 2.58 18.68
C TYR A 42 11.49 3.76 17.91
N TYR A 43 10.28 3.58 17.35
CA TYR A 43 9.70 4.56 16.46
C TYR A 43 9.12 5.73 17.25
N ALA A 44 8.47 5.44 18.38
CA ALA A 44 7.95 6.50 19.25
C ALA A 44 9.01 7.53 19.71
N LYS A 45 10.25 7.07 19.88
CA LYS A 45 11.34 7.94 20.32
C LYS A 45 11.73 8.91 19.24
N GLN A 46 11.68 8.44 18.00
CA GLN A 46 11.94 9.30 16.86
C GLN A 46 10.76 10.19 16.56
N LYS A 47 9.65 10.00 17.28
CA LYS A 47 8.42 10.75 17.07
C LYS A 47 8.06 10.69 15.61
N ILE A 48 7.93 9.50 15.04
CA ILE A 48 7.55 9.42 13.65
C ILE A 48 6.08 9.66 13.46
N THR A 49 5.75 10.07 12.25
CA THR A 49 4.37 10.30 11.88
C THR A 49 4.11 9.60 10.58
N VAL A 50 3.02 8.85 10.58
CA VAL A 50 2.67 8.01 9.47
C VAL A 50 1.40 8.53 8.83
N GLY A 51 1.49 8.78 7.54
CA GLY A 51 0.34 9.22 6.79
C GLY A 51 -0.31 8.07 6.05
N LEU A 52 -1.62 8.16 5.89
CA LEU A 52 -2.34 7.21 5.10
C LEU A 52 -3.25 7.93 4.09
N THR A 53 -2.92 7.79 2.80
CA THR A 53 -3.80 8.31 1.77
C THR A 53 -4.73 7.21 1.34
N VAL A 54 -5.93 7.63 1.00
CA VAL A 54 -6.99 6.77 0.54
C VAL A 54 -7.92 7.60 -0.31
N PHE A 55 -8.11 7.17 -1.54
CA PHE A 55 -9.05 7.81 -2.44
C PHE A 55 -10.34 7.09 -2.37
N ALA A 56 -11.43 7.82 -2.39
CA ALA A 56 -12.72 7.20 -2.43
C ALA A 56 -13.54 8.09 -3.34
N VAL A 57 -14.17 7.48 -4.34
CA VAL A 57 -14.86 8.22 -5.40
C VAL A 57 -16.23 7.63 -5.72
N GLY A 58 -17.25 8.49 -5.70
CA GLY A 58 -18.61 8.10 -6.04
C GLY A 58 -19.20 7.18 -4.99
N ARG A 59 -19.77 6.07 -5.48
CA ARG A 59 -20.37 5.02 -4.63
C ARG A 59 -19.40 4.49 -3.54
N TYR A 60 -18.11 4.43 -3.88
CA TYR A 60 -17.08 3.97 -2.95
C TYR A 60 -17.07 4.74 -1.61
N ILE A 61 -17.40 6.03 -1.64
CA ILE A 61 -17.37 6.84 -0.42
C ILE A 61 -18.29 6.26 0.68
N GLU A 62 -19.57 6.04 0.36
CA GLU A 62 -20.53 5.49 1.33
C GLU A 62 -20.48 3.96 1.45
N HIS A 63 -19.88 3.30 0.47
CA HIS A 63 -19.70 1.86 0.57
C HIS A 63 -18.56 1.45 1.48
N TYR A 64 -17.56 2.31 1.65
CA TYR A 64 -16.27 1.84 2.11
C TYR A 64 -15.49 2.74 3.09
N LEU A 65 -15.41 4.03 2.76
CA LEU A 65 -14.67 5.00 3.56
C LEU A 65 -14.92 4.93 5.06
N GLU A 66 -16.17 5.03 5.48
CA GLU A 66 -16.47 4.96 6.90
C GLU A 66 -15.75 3.77 7.52
N GLU A 67 -15.85 2.62 6.88
CA GLU A 67 -15.35 1.42 7.49
C GLU A 67 -13.85 1.37 7.45
N PHE A 68 -13.31 2.07 6.45
CA PHE A 68 -11.88 2.10 6.28
C PHE A 68 -11.26 2.91 7.40
N LEU A 69 -11.73 4.15 7.52
CA LEU A 69 -11.19 5.09 8.48
C LEU A 69 -11.39 4.61 9.90
N THR A 70 -12.48 3.90 10.12
CA THR A 70 -12.79 3.41 11.44
C THR A 70 -11.82 2.29 11.79
N SER A 71 -11.68 1.34 10.89
CA SER A 71 -10.73 0.30 11.11
C SER A 71 -9.35 0.93 11.27
N ALA A 72 -8.99 1.88 10.41
CA ALA A 72 -7.63 2.43 10.47
C ALA A 72 -7.44 3.07 11.83
N ASN A 73 -8.42 3.87 12.21
CA ASN A 73 -8.36 4.54 13.48
C ASN A 73 -8.04 3.60 14.62
N LYS A 74 -8.40 2.33 14.47
CA LYS A 74 -8.31 1.38 15.55
C LYS A 74 -7.05 0.56 15.45
N HIS A 75 -6.55 0.32 14.24
CA HIS A 75 -5.50 -0.67 14.04
C HIS A 75 -4.27 -0.17 13.38
N PHE A 76 -4.34 0.99 12.74
CA PHE A 76 -3.22 1.49 11.94
C PHE A 76 -2.27 2.30 12.79
N MET A 77 -1.03 1.83 12.83
CA MET A 77 0.05 2.45 13.59
C MET A 77 -0.42 2.92 14.95
N VAL A 78 -0.98 2.03 15.75
CA VAL A 78 -1.57 2.47 17.01
C VAL A 78 -0.45 2.99 17.86
N GLY A 79 -0.74 4.05 18.62
CA GLY A 79 0.28 4.71 19.44
C GLY A 79 1.31 5.51 18.68
N HIS A 80 0.99 5.97 17.47
CA HIS A 80 1.83 6.93 16.69
C HIS A 80 0.99 7.90 15.92
N PRO A 81 1.41 9.19 15.88
CA PRO A 81 0.64 10.17 15.12
C PRO A 81 0.35 9.61 13.74
N VAL A 82 -0.84 9.82 13.25
CA VAL A 82 -1.19 9.31 11.95
C VAL A 82 -2.09 10.30 11.33
N ILE A 83 -1.81 10.67 10.10
CA ILE A 83 -2.67 11.58 9.39
C ILE A 83 -3.34 10.81 8.27
N PHE A 84 -4.65 10.89 8.27
CA PHE A 84 -5.40 10.34 7.16
C PHE A 84 -5.60 11.43 6.15
N TYR A 85 -5.11 11.22 4.95
CA TYR A 85 -5.44 12.10 3.84
C TYR A 85 -6.57 11.48 3.05
N ILE A 86 -7.76 12.01 3.21
CA ILE A 86 -8.92 11.48 2.55
C ILE A 86 -9.06 12.26 1.25
N MET A 87 -8.97 11.58 0.12
CA MET A 87 -9.28 12.21 -1.17
C MET A 87 -10.63 11.70 -1.66
N VAL A 88 -11.58 12.63 -1.78
CA VAL A 88 -12.92 12.30 -2.27
C VAL A 88 -13.37 13.27 -3.36
N ASP A 89 -14.30 12.84 -4.20
CA ASP A 89 -14.87 13.73 -5.21
C ASP A 89 -15.92 14.63 -4.60
N ASP A 90 -16.53 14.14 -3.52
CA ASP A 90 -17.61 14.84 -2.83
C ASP A 90 -17.43 14.88 -1.30
N VAL A 91 -16.89 16.00 -0.82
CA VAL A 91 -16.62 16.20 0.60
C VAL A 91 -17.90 16.26 1.43
N SER A 92 -19.03 16.42 0.76
CA SER A 92 -20.31 16.53 1.46
C SER A 92 -20.63 15.21 2.12
N ARG A 93 -20.36 14.11 1.43
CA ARG A 93 -20.68 12.79 1.96
C ARG A 93 -19.49 12.08 2.62
N MET A 94 -18.53 12.89 3.09
CA MET A 94 -17.45 12.42 3.93
C MET A 94 -18.08 11.92 5.20
N PRO A 95 -17.94 10.63 5.53
CA PRO A 95 -18.58 10.04 6.71
C PRO A 95 -18.15 10.72 8.02
N LEU A 96 -16.92 11.24 8.06
CA LEU A 96 -16.45 12.14 9.15
C LEU A 96 -16.59 11.53 10.58
N ILE A 97 -15.95 10.39 10.77
CA ILE A 97 -16.02 9.63 12.01
C ILE A 97 -15.28 10.29 13.15
N GLU A 98 -15.31 9.65 14.30
CA GLU A 98 -14.62 10.14 15.47
C GLU A 98 -13.27 9.45 15.55
N LEU A 99 -12.20 10.24 15.53
CA LEU A 99 -10.85 9.70 15.61
C LEU A 99 -10.33 9.64 17.05
N GLY A 100 -9.44 8.69 17.31
CA GLY A 100 -8.89 8.46 18.63
C GLY A 100 -7.52 9.07 18.76
N PRO A 101 -6.86 8.80 19.89
CA PRO A 101 -5.57 9.40 20.14
C PRO A 101 -4.68 9.21 18.95
N LEU A 102 -3.97 10.25 18.56
CA LEU A 102 -2.85 10.18 17.63
C LEU A 102 -3.27 10.07 16.16
N ARG A 103 -4.56 10.14 15.89
CA ARG A 103 -5.07 10.20 14.51
C ARG A 103 -5.64 11.58 14.22
N SER A 104 -5.41 12.11 13.03
CA SER A 104 -6.15 13.30 12.58
C SER A 104 -6.32 13.13 11.08
N PHE A 105 -7.14 13.95 10.42
CA PHE A 105 -7.20 13.90 8.96
C PHE A 105 -7.21 15.21 8.27
N LYS A 106 -6.95 15.13 6.98
CA LYS A 106 -6.98 16.25 6.08
C LYS A 106 -7.89 15.67 4.99
N VAL A 107 -8.88 16.43 4.53
CA VAL A 107 -9.70 15.98 3.40
C VAL A 107 -9.46 16.86 2.21
N PHE A 108 -9.49 16.26 1.03
CA PHE A 108 -9.31 16.98 -0.21
C PHE A 108 -10.37 16.60 -1.24
N LYS A 109 -10.99 17.62 -1.82
CA LYS A 109 -11.90 17.45 -2.95
C LYS A 109 -11.05 17.17 -4.17
N ILE A 110 -11.26 16.04 -4.81
CA ILE A 110 -10.66 15.80 -6.11
C ILE A 110 -11.72 15.89 -7.20
N LYS A 111 -11.30 16.26 -8.41
CA LYS A 111 -12.17 16.21 -9.59
C LYS A 111 -12.44 14.74 -9.95
N PRO A 112 -13.66 14.42 -10.41
CA PRO A 112 -13.89 13.07 -10.95
C PRO A 112 -13.14 12.80 -12.26
N GLU A 113 -13.31 11.59 -12.79
CA GLU A 113 -12.62 11.09 -13.99
C GLU A 113 -12.99 11.88 -15.27
N LYS A 114 -12.06 12.69 -15.78
CA LYS A 114 -12.37 13.70 -16.80
C LYS A 114 -11.98 13.37 -18.25
N ARG A 115 -12.86 12.63 -18.92
CA ARG A 115 -13.07 12.79 -20.36
C ARG A 115 -14.57 13.27 -20.54
N TRP A 116 -15.60 12.43 -20.73
CA TRP A 116 -15.62 10.97 -21.03
C TRP A 116 -15.23 9.98 -19.88
N GLN A 117 -14.23 9.13 -20.06
CA GLN A 117 -13.87 8.16 -19.01
C GLN A 117 -12.35 8.05 -18.88
N ASP A 118 -11.87 8.38 -17.69
CA ASP A 118 -10.45 8.31 -17.37
C ASP A 118 -9.98 6.91 -16.96
N ILE A 119 -9.77 6.68 -15.65
CA ILE A 119 -9.02 5.48 -15.20
C ILE A 119 -9.51 4.65 -13.99
N SER A 120 -9.49 5.19 -12.75
CA SER A 120 -9.21 6.58 -12.41
C SER A 120 -7.96 6.70 -11.52
N MET A 121 -6.84 6.16 -11.98
CA MET A 121 -5.60 6.21 -11.20
C MET A 121 -4.38 6.51 -12.06
N MET A 122 -4.55 7.83 -12.32
CA MET A 122 -4.70 9.10 -11.68
C MET A 122 -4.58 9.35 -10.21
N ARG A 123 -4.75 8.46 -9.32
CA ARG A 123 -4.37 8.62 -7.94
C ARG A 123 -2.87 8.93 -7.89
N MET A 124 -2.13 8.32 -8.81
CA MET A 124 -0.69 8.45 -8.86
C MET A 124 -0.25 9.89 -9.04
N LYS A 125 -0.93 10.62 -9.90
CA LYS A 125 -0.56 12.02 -10.07
C LYS A 125 -0.91 12.85 -8.84
N THR A 126 -2.04 12.53 -8.21
CA THR A 126 -2.54 13.33 -7.12
C THR A 126 -1.69 13.12 -5.88
N ILE A 127 -1.32 11.87 -5.66
CA ILE A 127 -0.55 11.49 -4.49
C ILE A 127 0.76 12.22 -4.53
N GLY A 128 1.42 12.14 -5.68
CA GLY A 128 2.71 12.77 -5.86
C GLY A 128 2.61 14.26 -5.74
N GLU A 129 1.55 14.82 -6.28
CA GLU A 129 1.25 16.23 -6.08
C GLU A 129 1.15 16.55 -4.60
N HIS A 130 0.48 15.69 -3.85
CA HIS A 130 0.28 15.96 -2.45
C HIS A 130 1.51 15.73 -1.63
N ILE A 131 2.34 14.79 -2.08
CA ILE A 131 3.59 14.56 -1.41
C ILE A 131 4.39 15.87 -1.45
N VAL A 132 4.54 16.43 -2.64
CA VAL A 132 5.30 17.67 -2.82
C VAL A 132 4.71 18.80 -2.03
N ALA A 133 3.40 18.93 -2.06
CA ALA A 133 2.73 20.08 -1.48
C ALA A 133 2.82 20.07 0.03
N HIS A 134 2.77 18.89 0.65
CA HIS A 134 2.63 18.82 2.12
C HIS A 134 3.01 17.52 2.81
N ILE A 135 2.81 16.40 2.14
CA ILE A 135 3.06 15.14 2.82
C ILE A 135 4.53 14.97 3.15
N GLN A 136 5.46 15.34 2.27
CA GLN A 136 6.87 15.21 2.62
C GLN A 136 7.23 15.99 3.87
N HIS A 137 6.45 17.02 4.15
CA HIS A 137 6.69 17.84 5.31
C HIS A 137 5.97 17.29 6.52
N GLU A 138 5.04 16.40 6.28
CA GLU A 138 4.14 16.04 7.34
C GLU A 138 4.43 14.72 7.98
N VAL A 139 5.18 13.87 7.31
CA VAL A 139 5.27 12.51 7.80
C VAL A 139 6.57 11.89 7.44
N ASP A 140 6.94 10.87 8.19
CA ASP A 140 8.14 10.13 7.87
C ASP A 140 7.85 8.98 6.94
N PHE A 141 6.65 8.41 7.09
CA PHE A 141 6.24 7.28 6.27
C PHE A 141 4.81 7.50 5.80
N LEU A 142 4.56 7.13 4.56
CA LEU A 142 3.24 7.31 3.95
C LEU A 142 2.78 6.01 3.35
N PHE A 143 1.60 5.56 3.75
CA PHE A 143 0.99 4.46 3.04
C PHE A 143 -0.10 4.98 2.13
N CYS A 144 -0.22 4.36 0.96
CA CYS A 144 -1.28 4.64 0.00
C CYS A 144 -2.09 3.41 -0.11
N MET A 145 -3.38 3.54 0.16
CA MET A 145 -4.23 2.38 0.25
C MET A 145 -5.52 2.62 -0.52
N ASP A 146 -6.03 1.52 -1.10
CA ASP A 146 -7.34 1.42 -1.74
C ASP A 146 -8.37 1.49 -0.63
N VAL A 147 -9.46 2.21 -0.83
CA VAL A 147 -10.41 2.41 0.25
C VAL A 147 -11.21 1.16 0.58
N ASP A 148 -11.48 0.35 -0.43
CA ASP A 148 -12.33 -0.82 -0.24
C ASP A 148 -11.54 -1.94 0.42
N GLN A 149 -11.09 -1.69 1.65
CA GLN A 149 -10.45 -2.67 2.52
C GLN A 149 -10.81 -2.37 3.99
N VAL A 150 -10.48 -3.28 4.88
CA VAL A 150 -10.78 -3.11 6.31
C VAL A 150 -9.61 -3.60 7.11
N PHE A 151 -9.30 -2.88 8.19
CA PHE A 151 -8.26 -3.32 9.10
C PHE A 151 -8.91 -4.26 10.08
N GLN A 152 -8.30 -5.42 10.27
CA GLN A 152 -8.89 -6.43 11.13
C GLN A 152 -8.07 -6.52 12.40
N ASP A 153 -6.79 -6.18 12.31
CA ASP A 153 -5.94 -6.19 13.46
C ASP A 153 -4.81 -5.19 13.32
N LYS A 154 -4.01 -5.07 14.36
CA LYS A 154 -2.91 -4.14 14.37
C LYS A 154 -2.20 -4.20 13.03
N PHE A 155 -2.03 -3.03 12.42
CA PHE A 155 -1.24 -2.87 11.22
C PHE A 155 -0.28 -1.80 11.63
N GLY A 156 0.88 -2.22 12.14
CA GLY A 156 1.76 -1.34 12.86
C GLY A 156 3.08 -1.04 12.20
N VAL A 157 4.00 -0.51 13.00
CA VAL A 157 5.26 0.03 12.52
C VAL A 157 6.20 -1.03 11.94
N GLU A 158 5.81 -2.29 12.12
CA GLU A 158 6.52 -3.40 11.50
C GLU A 158 6.45 -3.33 9.98
N THR A 159 5.53 -2.50 9.48
CA THR A 159 5.29 -2.37 8.04
C THR A 159 6.09 -1.21 7.47
N LEU A 160 6.81 -0.48 8.32
CA LEU A 160 7.45 0.75 7.86
C LEU A 160 8.77 0.50 7.15
N GLY A 161 9.13 1.35 6.21
CA GLY A 161 10.35 1.13 5.43
C GLY A 161 10.53 2.13 4.32
N GLU A 162 11.66 2.05 3.63
CA GLU A 162 11.93 3.01 2.58
C GLU A 162 10.86 2.92 1.49
N SER A 163 10.52 1.68 1.09
CA SER A 163 9.53 1.42 0.08
C SER A 163 8.97 0.08 0.43
N VAL A 164 7.65 0.06 0.64
CA VAL A 164 6.96 -1.05 1.20
C VAL A 164 5.90 -1.50 0.22
N ALA A 165 5.90 -2.80 -0.04
CA ALA A 165 5.06 -3.43 -1.05
C ALA A 165 4.26 -4.54 -0.42
N GLN A 166 3.13 -4.84 -1.01
CA GLN A 166 2.24 -5.83 -0.47
C GLN A 166 2.13 -6.97 -1.48
N LEU A 167 2.31 -8.19 -0.98
CA LEU A 167 2.04 -9.38 -1.74
C LEU A 167 0.56 -9.52 -1.88
N GLN A 168 0.07 -9.39 -3.12
CA GLN A 168 -1.32 -9.67 -3.45
C GLN A 168 -1.63 -11.10 -3.03
N ALA A 169 -2.76 -11.24 -2.34
CA ALA A 169 -3.16 -12.45 -1.65
C ALA A 169 -3.25 -13.71 -2.52
N TRP A 170 -3.87 -13.59 -3.70
CA TRP A 170 -4.07 -14.77 -4.56
C TRP A 170 -2.71 -15.30 -4.95
N TRP A 171 -1.90 -14.41 -5.52
CA TRP A 171 -0.65 -14.75 -6.21
C TRP A 171 0.59 -14.86 -5.35
N TYR A 172 0.42 -15.00 -4.04
CA TYR A 172 1.61 -15.05 -3.18
C TYR A 172 2.33 -16.38 -3.27
N LYS A 173 1.57 -17.45 -3.49
CA LYS A 173 2.12 -18.79 -3.65
C LYS A 173 2.62 -18.97 -5.08
N ALA A 174 2.09 -18.15 -5.99
CA ALA A 174 2.21 -18.38 -7.43
C ALA A 174 3.64 -18.37 -7.95
N ASP A 175 3.81 -18.78 -9.20
CA ASP A 175 5.11 -18.69 -9.84
C ASP A 175 5.14 -17.37 -10.60
N PRO A 176 6.31 -16.71 -10.60
CA PRO A 176 6.58 -15.50 -11.38
C PRO A 176 5.93 -15.40 -12.74
N ASN A 177 5.78 -16.52 -13.44
CA ASN A 177 5.17 -16.46 -14.78
C ASN A 177 3.67 -16.75 -14.81
N ASP A 178 3.12 -17.23 -13.70
CA ASP A 178 1.69 -17.18 -13.50
C ASP A 178 1.21 -15.73 -13.25
N PHE A 179 2.09 -14.89 -12.67
CA PHE A 179 1.70 -13.53 -12.23
C PHE A 179 1.02 -12.77 -13.35
N THR A 180 0.03 -11.95 -12.99
CA THR A 180 -0.71 -11.19 -13.97
C THR A 180 -0.02 -9.90 -14.36
N TYR A 181 1.29 -9.94 -14.61
CA TYR A 181 1.96 -8.72 -15.05
C TYR A 181 1.41 -8.31 -16.41
N GLU A 182 1.64 -7.06 -16.80
CA GLU A 182 1.38 -6.64 -18.16
C GLU A 182 2.50 -7.23 -19.01
N ARG A 183 2.08 -8.02 -20.00
CA ARG A 183 2.99 -8.82 -20.81
C ARG A 183 3.23 -8.19 -22.16
N ARG A 184 2.43 -7.18 -22.49
CA ARG A 184 2.45 -6.61 -23.81
C ARG A 184 3.62 -5.65 -23.92
N LYS A 185 4.64 -6.03 -24.70
CA LYS A 185 5.87 -5.24 -24.77
C LYS A 185 5.64 -3.75 -25.05
N GLU A 186 4.45 -3.40 -25.52
CA GLU A 186 4.16 -2.00 -25.85
C GLU A 186 3.80 -1.17 -24.62
N SER A 187 3.46 -1.84 -23.51
CA SER A 187 3.14 -1.16 -22.25
C SER A 187 4.38 -0.86 -21.39
N ALA A 188 4.49 0.39 -20.93
CA ALA A 188 5.55 0.77 -19.98
C ALA A 188 5.55 -0.15 -18.76
N ALA A 189 4.41 -0.74 -18.47
CA ALA A 189 4.28 -1.67 -17.37
C ALA A 189 4.82 -3.06 -17.71
N TYR A 190 5.50 -3.18 -18.85
CA TYR A 190 5.82 -4.49 -19.40
C TYR A 190 6.85 -5.24 -18.55
N ILE A 191 6.44 -6.40 -18.10
CA ILE A 191 7.40 -7.33 -17.50
C ILE A 191 7.43 -8.59 -18.35
N PRO A 192 8.59 -8.81 -19.01
CA PRO A 192 8.93 -10.07 -19.66
C PRO A 192 8.40 -11.25 -18.89
N PHE A 193 8.02 -12.30 -19.59
CA PHE A 193 7.94 -13.57 -18.92
C PHE A 193 9.39 -13.89 -18.60
N GLY A 194 9.60 -14.69 -17.56
CA GLY A 194 10.96 -14.98 -17.11
C GLY A 194 11.31 -14.12 -15.92
N GLU A 195 11.42 -12.80 -16.16
CA GLU A 195 11.63 -11.80 -15.10
C GLU A 195 10.41 -11.67 -14.17
N GLY A 196 10.62 -11.15 -12.96
CA GLY A 196 9.51 -11.04 -11.98
C GLY A 196 9.77 -11.57 -10.57
N ASP A 197 9.78 -10.65 -9.60
CA ASP A 197 10.09 -11.03 -8.23
C ASP A 197 8.91 -11.52 -7.44
N PHE A 198 7.88 -10.68 -7.35
CA PHE A 198 6.61 -11.05 -6.71
C PHE A 198 5.48 -10.35 -7.44
N TYR A 199 4.26 -10.72 -7.13
CA TYR A 199 3.17 -9.90 -7.61
C TYR A 199 2.70 -8.98 -6.50
N TYR A 200 3.00 -7.70 -6.67
CA TYR A 200 2.67 -6.69 -5.67
C TYR A 200 1.26 -6.17 -5.83
N HIS A 201 0.56 -6.04 -4.71
CA HIS A 201 -0.80 -5.52 -4.68
C HIS A 201 -0.77 -4.00 -4.71
N ALA A 202 -1.58 -3.38 -5.56
CA ALA A 202 -1.63 -1.93 -5.57
C ALA A 202 -2.46 -1.38 -4.42
N ALA A 203 -3.23 -2.24 -3.75
CA ALA A 203 -4.08 -1.80 -2.64
C ALA A 203 -3.31 -1.28 -1.40
N ILE A 204 -1.99 -1.43 -1.39
CA ILE A 204 -1.17 -0.96 -0.31
C ILE A 204 0.21 -0.82 -0.86
N PHE A 205 0.66 0.41 -1.00
CA PHE A 205 2.07 0.63 -1.06
C PHE A 205 2.39 1.80 -0.18
N GLY A 206 3.66 1.92 0.14
CA GLY A 206 4.09 2.83 1.18
C GLY A 206 5.58 3.00 1.14
N GLY A 207 6.08 3.76 2.10
CA GLY A 207 7.48 4.07 2.16
C GLY A 207 7.56 5.48 2.66
N THR A 208 8.74 6.07 2.57
CA THR A 208 8.88 7.47 2.91
C THR A 208 8.20 8.24 1.80
N PRO A 209 7.77 9.47 2.10
CA PRO A 209 7.10 10.30 1.11
C PRO A 209 7.93 10.43 -0.15
N THR A 210 9.23 10.46 0.03
CA THR A 210 10.17 10.53 -1.06
C THR A 210 10.12 9.22 -1.84
N GLN A 211 10.19 8.08 -1.20
CA GLN A 211 10.03 6.88 -2.00
C GLN A 211 8.69 6.95 -2.70
N VAL A 212 7.62 7.13 -1.93
CA VAL A 212 6.30 7.08 -2.50
C VAL A 212 6.15 8.13 -3.60
N LEU A 213 6.79 9.29 -3.47
CA LEU A 213 6.75 10.27 -4.56
C LEU A 213 7.29 9.62 -5.83
N ASN A 214 8.38 8.87 -5.73
CA ASN A 214 8.99 8.30 -6.89
C ASN A 214 8.16 7.15 -7.44
N ILE A 215 7.76 6.24 -6.56
CA ILE A 215 6.86 5.17 -6.92
C ILE A 215 5.75 5.75 -7.78
N THR A 216 5.15 6.84 -7.31
CA THR A 216 3.92 7.34 -7.93
C THR A 216 4.23 8.09 -9.20
N GLN A 217 5.28 8.91 -9.16
CA GLN A 217 5.71 9.67 -10.34
C GLN A 217 6.08 8.77 -11.50
N GLU A 218 6.77 7.67 -11.21
CA GLU A 218 7.12 6.65 -12.20
C GLU A 218 5.90 5.86 -12.70
N CYS A 219 5.06 5.42 -11.77
CA CYS A 219 3.82 4.80 -12.15
C CYS A 219 3.02 5.70 -13.08
N PHE A 220 3.00 7.00 -12.80
CA PHE A 220 2.14 7.86 -13.55
C PHE A 220 2.71 8.03 -14.93
N LYS A 221 4.03 8.19 -14.99
CA LYS A 221 4.72 8.36 -16.25
C LYS A 221 4.43 7.16 -17.14
N GLY A 222 4.31 6.00 -16.52
CA GLY A 222 3.91 4.76 -17.19
C GLY A 222 2.53 4.83 -17.80
N ILE A 223 1.52 5.14 -16.97
CA ILE A 223 0.16 5.41 -17.41
C ILE A 223 0.13 6.43 -18.54
N LEU A 224 0.98 7.45 -18.44
CA LEU A 224 0.95 8.58 -19.36
C LEU A 224 1.49 8.22 -20.72
N LYS A 225 2.56 7.43 -20.71
CA LYS A 225 3.22 7.02 -21.94
C LYS A 225 2.31 6.01 -22.61
N ASP A 226 1.61 5.21 -21.80
CA ASP A 226 0.65 4.23 -22.29
C ASP A 226 -0.56 4.92 -22.93
N LYS A 227 -1.07 5.97 -22.32
CA LYS A 227 -2.13 6.78 -22.93
C LYS A 227 -1.64 7.33 -24.28
N LYS A 228 -0.39 7.77 -24.31
CA LYS A 228 0.19 8.29 -25.55
C LYS A 228 0.19 7.20 -26.62
N ASN A 229 0.49 5.96 -26.23
CA ASN A 229 0.44 4.82 -27.14
C ASN A 229 -0.94 4.19 -27.18
N ASP A 230 -2.00 4.97 -26.96
CA ASP A 230 -3.35 4.39 -26.85
C ASP A 230 -3.35 2.92 -26.39
N ILE A 231 -2.69 2.67 -25.27
CA ILE A 231 -2.67 1.36 -24.61
C ILE A 231 -2.90 1.46 -23.08
N GLU A 232 -3.52 0.43 -22.51
CA GLU A 232 -3.92 0.43 -21.12
C GLU A 232 -3.56 -0.87 -20.42
N ALA A 233 -2.57 -0.78 -19.54
CA ALA A 233 -2.04 -1.91 -18.81
C ALA A 233 -3.12 -2.78 -18.18
N GLN A 234 -2.87 -4.08 -18.14
CA GLN A 234 -3.83 -5.09 -17.70
C GLN A 234 -4.55 -4.59 -16.46
N TRP A 235 -3.79 -4.52 -15.36
CA TRP A 235 -4.33 -4.08 -14.09
C TRP A 235 -3.91 -2.66 -13.78
N HIS A 236 -4.03 -1.81 -14.78
CA HIS A 236 -3.87 -0.38 -14.64
C HIS A 236 -2.68 -0.01 -13.72
N ASP A 237 -2.95 0.77 -12.67
CA ASP A 237 -1.92 1.22 -11.74
C ASP A 237 -1.16 0.05 -11.10
N GLU A 238 -1.85 -1.05 -10.80
CA GLU A 238 -1.20 -2.21 -10.20
C GLU A 238 -0.15 -2.82 -11.11
N SER A 239 -0.26 -2.57 -12.41
CA SER A 239 0.68 -3.17 -13.31
C SER A 239 1.94 -2.33 -13.37
N HIS A 240 1.77 -1.03 -13.26
CA HIS A 240 2.91 -0.14 -13.28
C HIS A 240 3.67 -0.26 -11.98
N LEU A 241 2.91 -0.38 -10.90
CA LEU A 241 3.48 -0.60 -9.59
C LEU A 241 4.38 -1.83 -9.69
N ASN A 242 3.84 -2.90 -10.25
CA ASN A 242 4.61 -4.09 -10.38
C ASN A 242 5.86 -3.94 -11.22
N LYS A 243 5.77 -3.17 -12.31
CA LYS A 243 6.93 -2.82 -13.11
C LYS A 243 7.91 -2.04 -12.25
N TYR A 244 7.43 -0.97 -11.63
CA TYR A 244 8.24 -0.10 -10.79
C TYR A 244 9.02 -0.88 -9.74
N PHE A 245 8.29 -1.71 -9.01
CA PHE A 245 8.85 -2.50 -7.92
C PHE A 245 9.77 -3.57 -8.44
N LEU A 246 9.86 -3.72 -9.76
CA LEU A 246 10.77 -4.69 -10.32
C LEU A 246 12.06 -3.95 -10.59
N LEU A 247 11.96 -2.76 -11.16
CA LEU A 247 13.16 -1.96 -11.34
C LEU A 247 13.75 -1.51 -9.99
N ASN A 248 12.88 -1.26 -9.03
CA ASN A 248 13.24 -0.65 -7.76
C ASN A 248 12.72 -1.51 -6.62
N LYS A 249 13.56 -2.41 -6.11
CA LYS A 249 13.05 -3.42 -5.23
C LYS A 249 12.63 -2.81 -3.90
N PRO A 250 11.45 -3.19 -3.42
CA PRO A 250 10.91 -2.62 -2.21
C PRO A 250 11.82 -3.01 -1.06
N THR A 251 12.07 -2.09 -0.12
CA THR A 251 12.96 -2.43 0.98
C THR A 251 12.22 -3.26 2.00
N LYS A 252 10.90 -3.26 1.92
CA LYS A 252 10.11 -4.11 2.80
C LYS A 252 8.84 -4.58 2.10
N ILE A 253 8.45 -5.82 2.36
CA ILE A 253 7.29 -6.40 1.72
C ILE A 253 6.40 -6.92 2.80
N LEU A 254 5.10 -6.76 2.64
CA LEU A 254 4.15 -7.25 3.62
C LEU A 254 3.48 -8.50 3.08
N SER A 255 3.18 -9.39 4.01
CA SER A 255 2.58 -10.66 3.70
C SER A 255 1.10 -10.44 3.41
N PRO A 256 0.51 -11.32 2.59
CA PRO A 256 -0.93 -11.28 2.37
C PRO A 256 -1.71 -11.21 3.65
N GLU A 257 -1.05 -11.33 4.79
CA GLU A 257 -1.71 -11.13 6.09
C GLU A 257 -2.07 -9.67 6.32
N TYR A 258 -1.33 -8.77 5.66
CA TYR A 258 -1.54 -7.34 5.77
C TYR A 258 -2.48 -6.88 4.69
N CYS A 259 -3.09 -7.85 4.02
CA CYS A 259 -4.03 -7.59 2.95
C CYS A 259 -4.60 -8.87 2.41
N TRP A 260 -5.60 -9.37 3.11
CA TRP A 260 -6.12 -10.68 2.84
C TRP A 260 -7.49 -10.65 2.20
N ASP A 261 -7.68 -11.49 1.19
CA ASP A 261 -8.98 -11.77 0.63
C ASP A 261 -9.55 -12.96 1.36
N TYR A 262 -10.54 -12.73 2.21
CA TYR A 262 -11.09 -13.81 3.04
C TYR A 262 -11.78 -14.89 2.20
N HIS A 263 -12.00 -14.58 0.92
CA HIS A 263 -12.70 -15.52 0.06
C HIS A 263 -11.72 -16.37 -0.75
N ILE A 264 -10.44 -16.15 -0.46
CA ILE A 264 -9.35 -17.06 -0.79
C ILE A 264 -9.21 -18.05 0.38
N GLY A 265 -10.08 -17.91 1.39
CA GLY A 265 -10.14 -18.82 2.51
C GLY A 265 -9.50 -18.37 3.82
N LEU A 266 -8.35 -18.95 4.14
CA LEU A 266 -7.77 -18.95 5.49
C LEU A 266 -6.61 -19.96 5.65
N PRO A 267 -5.73 -20.09 4.64
CA PRO A 267 -4.68 -21.11 4.74
C PRO A 267 -3.77 -20.81 5.93
N ALA A 268 -3.64 -21.77 6.84
CA ALA A 268 -2.59 -21.84 7.87
C ALA A 268 -1.55 -20.73 7.77
N ASP A 269 -1.01 -20.53 6.58
CA ASP A 269 -0.04 -19.47 6.27
C ASP A 269 -0.51 -18.03 6.62
N ILE A 270 -1.77 -17.90 6.99
CA ILE A 270 -2.38 -16.62 7.27
C ILE A 270 -2.84 -16.65 8.73
N LYS A 271 -1.94 -16.30 9.63
CA LYS A 271 -2.17 -16.55 11.05
C LYS A 271 -2.88 -15.44 11.80
N LEU A 272 -2.58 -14.19 11.45
CA LEU A 272 -3.43 -13.07 11.87
C LEU A 272 -3.68 -12.13 10.74
N VAL A 273 -4.93 -11.83 10.47
CA VAL A 273 -5.29 -10.95 9.36
C VAL A 273 -5.26 -9.48 9.82
N LYS A 274 -4.28 -8.73 9.31
CA LYS A 274 -4.13 -7.32 9.66
C LYS A 274 -5.13 -6.49 8.89
N MET A 275 -5.21 -6.73 7.58
CA MET A 275 -6.20 -6.10 6.71
C MET A 275 -6.88 -7.09 5.76
N SER A 276 -8.09 -6.77 5.30
CA SER A 276 -8.84 -7.64 4.38
C SER A 276 -9.71 -6.85 3.40
N TRP A 277 -9.95 -7.38 2.20
CA TRP A 277 -10.80 -6.73 1.19
C TRP A 277 -12.27 -6.78 1.65
N GLN A 278 -13.14 -5.94 1.11
CA GLN A 278 -14.53 -5.97 1.63
C GLN A 278 -15.72 -6.20 0.66
N THR A 279 -16.85 -6.62 1.24
CA THR A 279 -18.15 -6.83 0.53
C THR A 279 -18.09 -6.69 -1.00
C1 GOL B . 7.09 14.69 11.95
O1 GOL B . 6.82 13.54 12.72
C2 GOL B . 7.65 14.27 10.60
O2 GOL B . 8.99 13.87 10.72
C3 GOL B . 7.62 15.48 9.68
O3 GOL B . 8.68 15.36 8.75
#